data_2LBQ
#
_entry.id   2LBQ
#
_entity_poly.entity_id   1
_entity_poly.type   'polyribonucleotide'
_entity_poly.pdbx_seq_one_letter_code
;GGGGACUGUA(6IA)AUCCCC
;
_entity_poly.pdbx_strand_id   A
#
loop_
_chem_comp.id
_chem_comp.type
_chem_comp.name
_chem_comp.formula
6IA RNA linking N6-ISOPENTENYL-ADENOSINE-5'-MONOPHOSPHATE 'C15 H24 N5 O7 P'
A RNA linking ADENOSINE-5'-MONOPHOSPHATE 'C10 H14 N5 O7 P'
C RNA linking CYTIDINE-5'-MONOPHOSPHATE 'C9 H14 N3 O8 P'
G RNA linking GUANOSINE-5'-MONOPHOSPHATE 'C10 H14 N5 O8 P'
U RNA linking URIDINE-5'-MONOPHOSPHATE 'C9 H13 N2 O9 P'
#
# COMPACT_ATOMS: atom_id res chain seq x y z
P 6IA A 11 -4.33 0.48 -0.81
OP1 6IA A 11 -5.70 0.18 -1.28
OP2 6IA A 11 -4.11 1.30 0.39
O5' 6IA A 11 -3.54 -0.93 -0.62
C5' 6IA A 11 -4.04 -2.13 -1.23
C4' 6IA A 11 -2.89 -2.99 -1.79
O4' 6IA A 11 -1.91 -2.14 -2.39
C3' 6IA A 11 -2.17 -3.82 -0.74
O3' 6IA A 11 -2.76 -5.12 -0.67
C2' 6IA A 11 -0.78 -3.93 -1.32
O2' 6IA A 11 -0.69 -4.97 -2.30
C1' 6IA A 11 -0.60 -2.56 -1.96
N9 6IA A 11 -0.13 -1.50 -1.06
C8 6IA A 11 -0.88 -0.62 -0.33
N7 6IA A 11 -0.18 0.22 0.36
C5 6IA A 11 1.12 -0.11 0.06
C6 6IA A 11 2.35 0.45 0.50
N6 6IA A 11 2.44 1.42 1.41
N1 6IA A 11 3.47 -0.11 0.00
C2 6IA A 11 3.38 -1.13 -0.84
N3 6IA A 11 2.28 -1.74 -1.31
C4 6IA A 11 1.18 -1.15 -0.81
C12 6IA A 11 1.29 1.90 2.07
C13 6IA A 11 0.52 2.76 1.20
C14 6IA A 11 0.29 4.05 1.52
C15 6IA A 11 -1.13 4.57 1.68
C16 6IA A 11 1.50 4.95 1.80
H5' 6IA A 11 -4.71 -1.87 -2.05
H5'' 6IA A 11 -4.58 -2.72 -0.48
H4' 6IA A 11 -3.28 -3.65 -2.55
H3' 6IA A 11 -2.16 -3.32 0.23
H2' 6IA A 11 -0.04 -4.06 -0.53
HO2' 6IA A 11 0.13 -5.45 -2.14
H1' 6IA A 11 0.07 -2.64 -2.81
H8 6IA A 11 -1.96 -0.59 -0.39
HN6 6IA A 11 3.34 1.78 1.67
H2 6IA A 11 4.32 -1.54 -1.20
H121 6IA A 11 1.62 2.47 2.96
H122 6IA A 11 0.67 1.07 2.38
H132 6IA A 11 0.31 2.41 0.18
H151 6IA A 11 -1.21 5.12 2.62
H152 6IA A 11 -1.37 5.23 0.85
H153 6IA A 11 -1.84 3.74 1.69
H161 6IA A 11 2.41 4.36 1.80
H162 6IA A 11 1.56 5.71 1.02
H163 6IA A 11 1.36 5.44 2.77
P 6IA A 11 -3.65 0.67 -0.29
OP1 6IA A 11 -5.07 0.46 -0.64
OP2 6IA A 11 -3.29 1.47 0.91
O5' 6IA A 11 -2.94 -0.78 -0.14
C5' 6IA A 11 -3.52 -1.94 -0.76
C4' 6IA A 11 -2.44 -2.83 -1.39
O4' 6IA A 11 -1.45 -2.01 -2.03
C3' 6IA A 11 -1.70 -3.70 -0.39
O3' 6IA A 11 -2.33 -4.99 -0.32
C2' 6IA A 11 -0.33 -3.85 -1.04
O2' 6IA A 11 -0.32 -4.90 -2.01
C1' 6IA A 11 -0.15 -2.48 -1.68
N9 6IA A 11 0.44 -1.46 -0.81
C8 6IA A 11 -0.22 -0.57 -0.01
N7 6IA A 11 0.57 0.24 0.64
C5 6IA A 11 1.84 -0.15 0.24
C6 6IA A 11 3.10 0.34 0.58
N6 6IA A 11 3.30 1.33 1.49
N1 6IA A 11 4.16 -0.25 0.00
C2 6IA A 11 3.96 -1.25 -0.86
N3 6IA A 11 2.82 -1.79 -1.24
C4 6IA A 11 1.77 -1.17 -0.64
C12 6IA A 11 2.23 1.89 2.19
C13 6IA A 11 1.47 2.77 1.32
C14 6IA A 11 1.22 4.05 1.67
C15 6IA A 11 -0.24 4.52 1.82
C16 6IA A 11 2.38 4.97 1.95
H5' 6IA A 11 -4.22 -1.63 -1.54
H5'' 6IA A 11 -4.05 -2.52 -0.01
H4' 6IA A 11 -2.90 -3.47 -2.14
H3' 6IA A 11 -1.63 -3.23 0.59
H2' 6IA A 11 0.44 -4.03 -0.28
HO2' 6IA A 11 0.49 -4.82 -2.51
H1' 6IA A 11 0.46 -2.59 -2.57
H8 6IA A 11 -1.29 -0.48 0.02
HN6 6IA A 11 4.25 1.63 1.68
H2 6IA A 11 4.86 -1.69 -1.29
H121 6IA A 11 2.63 2.46 3.04
H122 6IA A 11 1.57 1.11 2.55
H132 6IA A 11 1.27 2.45 0.31
H151 6IA A 11 -0.92 3.69 1.67
H152 6IA A 11 -0.38 4.93 2.82
H153 6IA A 11 -0.44 5.29 1.08
H161 6IA A 11 3.33 4.41 1.90
H162 6IA A 11 2.39 5.76 1.20
H163 6IA A 11 2.27 5.42 2.94
P 6IA A 11 -3.94 0.28 -1.29
OP1 6IA A 11 -5.25 -0.15 -1.84
OP2 6IA A 11 -3.89 1.05 -0.03
O5' 6IA A 11 -3.01 -1.03 -1.11
C5' 6IA A 11 -3.37 -2.28 -1.70
C4' 6IA A 11 -2.15 -2.99 -2.29
O4' 6IA A 11 -1.23 -2.00 -2.75
C3' 6IA A 11 -1.38 -3.87 -1.30
O3' 6IA A 11 -1.85 -5.22 -1.41
C2' 6IA A 11 0.04 -3.77 -1.81
O2' 6IA A 11 0.28 -4.71 -2.87
C1' 6IA A 11 0.10 -2.34 -2.30
N9 6IA A 11 0.43 -1.32 -1.29
C8 6IA A 11 -0.42 -0.54 -0.59
N7 6IA A 11 0.17 0.28 0.23
C5 6IA A 11 1.51 0.02 0.05
C6 6IA A 11 2.67 0.56 0.64
N6 6IA A 11 2.63 1.47 1.65
N1 6IA A 11 3.85 0.08 0.23
C2 6IA A 11 3.87 -0.89 -0.69
N3 6IA A 11 2.87 -1.48 -1.31
C4 6IA A 11 1.69 -0.97 -0.88
C12 6IA A 11 1.42 1.91 2.21
C13 6IA A 11 0.86 2.98 1.43
C14 6IA A 11 1.26 4.25 1.63
C15 6IA A 11 0.26 5.40 1.49
C16 6IA A 11 2.73 4.50 1.93
H5' 6IA A 11 -4.10 -2.11 -2.49
H5'' 6IA A 11 -3.83 -2.92 -0.94
H4' 6IA A 11 -2.44 -3.60 -3.13
H3' 6IA A 11 -1.48 -3.49 -0.28
H2' 6IA A 11 0.75 -3.92 -0.99
HO2' 6IA A 11 1.16 -5.08 -2.73
H1' 6IA A 11 0.80 -2.28 -3.12
H8 6IA A 11 -1.48 -0.53 -0.75
HN6 6IA A 11 3.50 1.82 2.02
H2 6IA A 11 4.87 -1.24 -0.98
H121 6IA A 11 1.61 2.26 3.22
H122 6IA A 11 0.70 1.08 2.27
H132 6IA A 11 0.31 2.75 0.52
H151 6IA A 11 -0.63 5.06 0.95
H152 6IA A 11 -0.04 5.74 2.48
H153 6IA A 11 0.73 6.22 0.95
H161 6IA A 11 3.35 3.87 1.29
H162 6IA A 11 2.97 5.55 1.75
H163 6IA A 11 2.94 4.27 2.97
P 6IA A 11 -4.02 0.22 -1.55
OP1 6IA A 11 -5.28 -0.22 -2.18
OP2 6IA A 11 -4.06 1.02 -0.31
O5' 6IA A 11 -3.11 -1.09 -1.28
C5' 6IA A 11 -3.45 -2.36 -1.86
C4' 6IA A 11 -2.19 -3.10 -2.35
O4' 6IA A 11 -1.25 -2.14 -2.83
C3' 6IA A 11 -1.49 -3.90 -1.27
O3' 6IA A 11 -1.96 -5.25 -1.30
C2' 6IA A 11 -0.04 -3.86 -1.74
O2' 6IA A 11 0.21 -4.84 -2.73
C1' 6IA A 11 0.05 -2.46 -2.29
N9 6IA A 11 0.35 -1.41 -1.31
C8 6IA A 11 -0.55 -0.61 -0.64
N7 6IA A 11 0.02 0.24 0.17
C5 6IA A 11 1.36 0.00 0.03
C6 6IA A 11 2.49 0.58 0.63
N6 6IA A 11 2.41 1.53 1.58
N1 6IA A 11 3.70 0.11 0.27
C2 6IA A 11 3.76 -0.87 -0.63
N3 6IA A 11 2.78 -1.50 -1.26
C4 6IA A 11 1.58 -1.01 -0.87
C12 6IA A 11 1.17 1.96 2.06
C13 6IA A 11 1.34 2.90 3.15
C14 6IA A 11 1.37 4.23 2.91
C15 6IA A 11 0.25 5.11 3.48
C16 6IA A 11 2.40 4.79 1.94
H5' 6IA A 11 -4.11 -2.20 -2.70
H5'' 6IA A 11 -3.96 -2.97 -1.12
H4' 6IA A 11 -2.45 -3.76 -3.16
H3' 6IA A 11 -1.61 -3.45 -0.29
H2' 6IA A 11 0.63 -3.97 -0.89
HO2' 6IA A 11 -0.03 -4.46 -3.58
H1' 6IA A 11 0.80 -2.44 -3.07
H8 6IA A 11 -1.61 -0.63 -0.82
HN6 6IA A 11 3.26 1.92 1.97
H2 6IA A 11 4.76 -1.21 -0.88
H121 6IA A 11 0.61 1.10 2.42
H122 6IA A 11 0.61 2.42 1.25
H132 6IA A 11 1.69 2.55 4.11
H151 6IA A 11 0.59 6.14 3.51
H152 6IA A 11 -0.63 5.03 2.84
H153 6IA A 11 -0.01 4.78 4.48
H161 6IA A 11 2.92 3.98 1.44
H162 6IA A 11 1.89 5.42 1.21
H163 6IA A 11 3.11 5.40 2.51
P 6IA A 11 -4.38 -0.41 -1.46
OP1 6IA A 11 -5.67 -0.87 -2.04
OP2 6IA A 11 -4.38 0.44 -0.25
O5' 6IA A 11 -3.47 -1.71 -1.16
C5' 6IA A 11 -3.84 -3.00 -1.66
C4' 6IA A 11 -2.61 -3.77 -2.17
O4' 6IA A 11 -1.67 -2.85 -2.76
C3' 6IA A 11 -1.85 -4.51 -1.09
O3' 6IA A 11 -2.33 -5.86 -0.99
C2' 6IA A 11 -0.44 -4.52 -1.64
O2' 6IA A 11 -0.26 -5.56 -2.61
C1' 6IA A 11 -0.35 -3.14 -2.27
N9 6IA A 11 -0.03 -2.06 -1.33
C8 6IA A 11 -0.88 -1.23 -0.67
N7 6IA A 11 -0.31 -0.37 0.10
C5 6IA A 11 1.05 -0.63 -0.06
C6 6IA A 11 2.18 -0.05 0.51
N6 6IA A 11 2.14 0.90 1.47
N1 6IA A 11 3.38 -0.55 0.13
C2 6IA A 11 3.41 -1.57 -0.74
N3 6IA A 11 2.41 -2.20 -1.32
C4 6IA A 11 1.24 -1.67 -0.93
C12 6IA A 11 0.93 1.32 2.05
C13 6IA A 11 0.37 2.41 1.29
C14 6IA A 11 0.81 3.67 1.45
C15 6IA A 11 -0.19 4.80 1.65
C16 6IA A 11 2.30 3.90 1.68
H5' 6IA A 11 -4.54 -2.88 -2.49
H5'' 6IA A 11 -4.31 -3.58 -0.87
H4' 6IA A 11 -2.91 -4.48 -2.93
H3' 6IA A 11 -1.89 -4.00 -0.13
H2' 6IA A 11 0.30 -4.61 -0.84
HO2' 6IA A 11 0.54 -5.34 -3.11
H1' 6IA A 11 0.36 -3.17 -3.08
H8 6IA A 11 -1.95 -1.25 -0.84
HN6 6IA A 11 3.01 1.27 1.83
H2 6IA A 11 4.41 -1.92 -1.00
H121 6IA A 11 1.13 1.68 3.07
H122 6IA A 11 0.22 0.50 2.10
H132 6IA A 11 -0.28 2.19 0.44
H151 6IA A 11 0.32 5.76 1.62
H152 6IA A 11 -0.94 4.76 0.86
H153 6IA A 11 -0.68 4.68 2.62
H161 6IA A 11 2.87 3.23 1.03
H162 6IA A 11 2.55 4.93 1.46
H163 6IA A 11 2.54 3.67 2.72
P 6IA A 11 -3.73 0.58 -0.42
OP1 6IA A 11 -5.19 0.43 -0.64
OP2 6IA A 11 -3.23 1.41 0.71
O5' 6IA A 11 -3.09 -0.90 -0.29
C5' 6IA A 11 -3.77 -2.05 -0.82
C4' 6IA A 11 -2.79 -3.01 -1.49
O4' 6IA A 11 -1.81 -2.27 -2.23
C3' 6IA A 11 -2.02 -3.92 -0.52
O3' 6IA A 11 -2.72 -5.16 -0.38
C2' 6IA A 11 -0.72 -4.14 -1.26
O2' 6IA A 11 -0.83 -5.21 -2.21
C1' 6IA A 11 -0.51 -2.81 -1.95
N9 6IA A 11 0.17 -1.79 -1.13
C8 6IA A 11 -0.39 -0.86 -0.31
N7 6IA A 11 0.47 -0.07 0.25
C5 6IA A 11 1.69 -0.50 -0.25
C6 6IA A 11 3.00 -0.05 -0.02
N6 6IA A 11 3.30 0.98 0.81
N1 6IA A 11 3.99 -0.69 -0.67
C2 6IA A 11 3.67 -1.70 -1.48
N3 6IA A 11 2.49 -2.22 -1.75
C4 6IA A 11 1.52 -1.55 -1.09
C12 6IA A 11 2.30 1.63 1.54
C13 6IA A 11 1.54 2.51 0.69
C14 6IA A 11 1.43 3.82 0.97
C15 6IA A 11 0.03 4.45 1.09
C16 6IA A 11 2.68 4.64 1.19
H5' 6IA A 11 -4.51 -1.73 -1.54
H5'' 6IA A 11 -4.27 -2.56 0.02
H4' 6IA A 11 -3.34 -3.64 -2.19
H3' 6IA A 11 -1.87 -3.42 0.43
H2' 6IA A 11 0.09 -4.33 -0.55
HO2' 6IA A 11 -0.46 -4.88 -3.04
H1' 6IA A 11 0.03 -2.96 -2.87
H8 6IA A 11 -1.45 -0.74 -0.22
HN6 6IA A 11 4.27 1.25 0.92
H2 6IA A 11 4.52 -2.18 -1.98
H121 6IA A 11 2.78 2.20 2.35
H122 6IA A 11 1.62 0.90 1.97
H132 6IA A 11 1.20 2.17 -0.29
H151 6IA A 11 -0.42 4.15 2.03
H152 6IA A 11 0.13 5.54 1.06
H153 6IA A 11 -0.59 4.11 0.27
H161 6IA A 11 3.56 4.00 1.07
H162 6IA A 11 2.72 5.44 0.45
H163 6IA A 11 2.68 5.07 2.19
P 6IA A 11 -4.23 0.54 -0.91
OP1 6IA A 11 -5.44 0.05 -1.60
OP2 6IA A 11 -4.36 1.26 0.39
O5' 6IA A 11 -3.23 -0.72 -0.69
C5' 6IA A 11 -3.48 -1.97 -1.34
C4' 6IA A 11 -2.18 -2.59 -1.86
O4' 6IA A 11 -1.30 -1.55 -2.32
C3' 6IA A 11 -1.40 -3.37 -0.82
O3' 6IA A 11 -1.79 -4.75 -0.84
C2' 6IA A 11 0.02 -3.23 -1.29
O2' 6IA A 11 0.32 -4.16 -2.35
C1' 6IA A 11 0.02 -1.80 -1.80
N9 6IA A 11 0.24 -0.78 -0.76
C8 6IA A 11 -0.70 -0.10 -0.05
N7 6IA A 11 -0.20 0.74 0.81
C5 6IA A 11 1.18 0.60 0.66
C6 6IA A 11 2.25 1.22 1.30
N6 6IA A 11 2.11 2.09 2.32
N1 6IA A 11 3.49 0.86 0.90
C2 6IA A 11 3.62 -0.06 -0.05
N3 6IA A 11 2.68 -0.72 -0.72
C4 6IA A 11 1.46 -0.33 -0.30
C12 6IA A 11 0.85 2.38 2.84
C13 6IA A 11 0.96 3.29 3.97
C14 6IA A 11 0.86 4.61 3.79
C15 6IA A 11 -0.29 5.37 4.45
C16 6IA A 11 1.87 5.32 2.89
H5' 6IA A 11 -4.16 -1.82 -2.18
H5'' 6IA A 11 -3.94 -2.65 -0.62
H4' 6IA A 11 -2.40 -3.25 -2.69
H3' 6IA A 11 -1.53 -2.94 0.18
H2' 6IA A 11 0.72 -3.33 -0.48
HO2' 6IA A 11 0.56 -3.63 -3.12
H1' 6IA A 11 0.76 -1.69 -2.57
H8 6IA A 11 -1.76 -0.18 -0.24
HN6 6IA A 11 2.93 2.50 2.73
H2 6IA A 11 4.65 -0.30 -0.33
H121 6IA A 11 0.37 1.46 3.16
H122 6IA A 11 0.24 2.83 2.06
H132 6IA A 11 1.35 2.91 4.92
H151 6IA A 11 -1.19 4.77 4.43
H152 6IA A 11 -0.02 5.61 5.48
H153 6IA A 11 -0.46 6.30 3.90
H161 6IA A 11 2.46 4.58 2.35
H162 6IA A 11 1.32 5.94 2.17
H163 6IA A 11 2.52 5.94 3.49
P 6IA A 11 -3.91 0.50 -1.60
OP1 6IA A 11 -5.17 0.09 -2.27
OP2 6IA A 11 -3.96 1.29 -0.35
O5' 6IA A 11 -3.03 -0.83 -1.32
C5' 6IA A 11 -3.38 -2.09 -1.90
C4' 6IA A 11 -2.14 -2.85 -2.37
O4' 6IA A 11 -1.16 -1.92 -2.86
C3' 6IA A 11 -1.45 -3.66 -1.28
O3' 6IA A 11 -1.97 -5.00 -1.26
C2' 6IA A 11 -0.01 -3.67 -1.74
O2' 6IA A 11 0.21 -4.65 -2.75
C1' 6IA A 11 0.12 -2.26 -2.31
N9 6IA A 11 0.43 -1.23 -1.33
C8 6IA A 11 -0.45 -0.40 -0.67
N7 6IA A 11 0.11 0.42 0.17
C5 6IA A 11 1.46 0.13 0.05
C6 6IA A 11 2.58 0.67 0.70
N6 6IA A 11 2.51 1.61 1.67
N1 6IA A 11 3.79 0.16 0.35
C2 6IA A 11 3.84 -0.81 -0.56
N3 6IA A 11 2.85 -1.39 -1.22
C4 6IA A 11 1.67 -0.86 -0.85
C12 6IA A 11 1.27 2.05 2.13
C13 6IA A 11 1.44 2.99 3.22
C14 6IA A 11 1.51 4.31 2.97
C15 6IA A 11 0.42 5.24 3.49
C16 6IA A 11 2.59 4.84 2.02
H5' 6IA A 11 -4.04 -1.91 -2.75
H5'' 6IA A 11 -3.91 -2.68 -1.16
H4' 6IA A 11 -2.42 -3.52 -3.18
H3' 6IA A 11 -1.55 -3.17 -0.31
H2' 6IA A 11 0.66 -3.79 -0.92
HO2' 6IA A 11 0.53 -5.45 -2.30
H1' 6IA A 11 0.87 -2.26 -3.08
H8 6IA A 11 -1.52 -0.40 -0.87
HN6 6IA A 11 3.36 1.96 2.08
H2 6IA A 11 4.85 -1.16 -0.79
H121 6IA A 11 0.70 1.19 2.49
H122 6IA A 11 0.73 2.52 1.30
H132 6IA A 11 1.78 2.63 4.18
H151 6IA A 11 -0.41 5.25 2.79
H152 6IA A 11 0.07 4.88 4.45
H153 6IA A 11 0.81 6.25 3.60
H161 6IA A 11 3.11 3.99 1.54
H162 6IA A 11 2.13 5.46 1.26
H163 6IA A 11 3.31 5.42 2.59
#